data_3NA7
#
_entry.id   3NA7
#
_cell.length_a   172.720
_cell.length_b   37.951
_cell.length_c   66.056
_cell.angle_alpha   90.00
_cell.angle_beta   110.66
_cell.angle_gamma   90.00
#
_symmetry.space_group_name_H-M   'C 1 2 1'
#
loop_
_entity.id
_entity.type
_entity.pdbx_description
1 polymer HP0958
2 non-polymer 'ZINC ION'
3 non-polymer 'MAGNESIUM ION'
4 non-polymer '4-(2-HYDROXYETHYL)-1-PIPERAZINE ETHANESULFONIC ACID'
5 water water
#
_entity_poly.entity_id   1
_entity_poly.type   'polypeptide(L)'
_entity_poly.pdbx_seq_one_letter_code
;LGSNTHLKQLIEISHLDKEIDSLEPLIREKRKDLDKALNDKEAKNKAILNLEEEKLALKLQVSKNEQTLQDTNAKIASIQ
KKMSEIKSERELRSLNIEEDIAKERSNQANREIENLQNEIKRKSEKQEDLKKEMLELEKLALELESLVENEVKNIKETQQ
IIFKKKEDLVEKTEPKIYSFYERIRRWAKNTSIVTIKKQACGGCFIRLNDKIYTEVLTSGDMITCPYCGRILYAEGAYES
NAQPPKESQEESQELV
;
_entity_poly.pdbx_strand_id   A
#
# COMPACT_ATOMS: atom_id res chain seq x y z
N LEU A 1 -26.75 29.07 27.04
CA LEU A 1 -25.56 28.64 26.27
C LEU A 1 -25.89 27.37 25.48
N GLY A 2 -26.56 26.45 26.15
CA GLY A 2 -26.94 25.20 25.56
C GLY A 2 -28.12 24.67 26.34
N SER A 3 -27.87 24.21 27.56
CA SER A 3 -28.88 23.50 28.38
C SER A 3 -28.74 21.97 28.33
N ASN A 4 -28.94 21.33 29.48
CA ASN A 4 -28.69 19.91 29.65
C ASN A 4 -29.49 18.98 28.73
N THR A 5 -30.73 19.35 28.40
CA THR A 5 -31.54 18.57 27.46
C THR A 5 -30.99 18.67 26.02
N HIS A 6 -30.37 19.80 25.69
CA HIS A 6 -29.72 19.97 24.40
C HIS A 6 -28.45 19.12 24.35
N LEU A 7 -27.71 19.12 25.46
CA LEU A 7 -26.54 18.27 25.67
C LEU A 7 -26.87 16.78 25.50
N LYS A 8 -27.93 16.33 26.15
CA LYS A 8 -28.43 14.97 25.99
C LYS A 8 -28.71 14.66 24.53
N GLN A 9 -29.37 15.58 23.84
CA GLN A 9 -29.75 15.39 22.44
C GLN A 9 -28.57 15.21 21.52
N LEU A 10 -27.51 16.00 21.75
CA LEU A 10 -26.27 15.93 20.99
C LEU A 10 -25.44 14.69 21.31
N ILE A 11 -25.50 14.24 22.58
CA ILE A 11 -24.84 12.98 22.95
C ILE A 11 -25.47 11.82 22.19
N GLU A 12 -26.80 11.72 22.18
CA GLU A 12 -27.45 10.67 21.37
C GLU A 12 -27.02 10.76 19.90
N ILE A 13 -27.05 11.96 19.31
CA ILE A 13 -26.71 12.08 17.90
C ILE A 13 -25.25 11.68 17.63
N SER A 14 -24.34 12.16 18.49
CA SER A 14 -22.90 11.95 18.32
C SER A 14 -22.56 10.47 18.44
N HIS A 15 -23.33 9.73 19.22
CA HIS A 15 -23.13 8.29 19.29
C HIS A 15 -23.53 7.56 18.00
N LEU A 16 -24.58 8.04 17.34
CA LEU A 16 -24.99 7.48 16.06
C LEU A 16 -24.00 7.83 14.95
N ASP A 17 -23.41 9.02 15.00
CA ASP A 17 -22.33 9.37 14.08
C ASP A 17 -21.13 8.44 14.25
N LYS A 18 -20.74 8.16 15.50
CA LYS A 18 -19.64 7.26 15.82
C LYS A 18 -19.92 5.85 15.35
N GLU A 19 -21.18 5.41 15.49
CA GLU A 19 -21.61 4.10 14.98
C GLU A 19 -21.39 3.99 13.50
N ILE A 20 -21.92 4.95 12.75
CA ILE A 20 -21.72 4.98 11.30
C ILE A 20 -20.24 4.93 10.94
N ASP A 21 -19.42 5.72 11.63
CA ASP A 21 -18.00 5.76 11.31
C ASP A 21 -17.19 4.53 11.71
N SER A 22 -17.52 3.93 12.85
CA SER A 22 -16.70 2.87 13.46
C SER A 22 -16.97 1.52 12.80
N LEU A 23 -17.94 1.53 11.90
CA LEU A 23 -18.23 0.43 11.01
C LEU A 23 -17.40 0.44 9.76
N GLU A 24 -16.64 1.52 9.56
CA GLU A 24 -15.73 1.57 8.41
C GLU A 24 -14.55 0.61 8.52
N PRO A 25 -13.88 0.58 9.70
CA PRO A 25 -12.89 -0.47 9.95
C PRO A 25 -13.48 -1.89 9.79
N LEU A 26 -14.77 -2.05 10.08
CA LEU A 26 -15.41 -3.37 10.00
C LEU A 26 -15.46 -3.85 8.55
N ILE A 27 -15.82 -2.95 7.64
CA ILE A 27 -15.85 -3.29 6.22
C ILE A 27 -14.45 -3.69 5.76
N ARG A 28 -13.48 -2.86 6.13
CA ARG A 28 -12.08 -3.13 5.85
C ARG A 28 -11.66 -4.51 6.38
N GLU A 29 -12.00 -4.83 7.64
CA GLU A 29 -11.64 -6.13 8.24
C GLU A 29 -12.24 -7.27 7.44
N LYS A 30 -13.52 -7.15 7.06
CA LYS A 30 -14.22 -8.14 6.27
C LYS A 30 -13.52 -8.43 4.93
N ARG A 31 -13.00 -7.38 4.30
CA ARG A 31 -12.28 -7.43 3.02
C ARG A 31 -10.81 -7.84 3.10
N LYS A 32 -10.25 -7.88 4.30
CA LYS A 32 -8.78 -7.99 4.44
C LYS A 32 -8.14 -9.16 3.65
N ASP A 33 -8.70 -10.36 3.77
CA ASP A 33 -8.14 -11.54 3.08
C ASP A 33 -8.32 -11.42 1.57
N LEU A 34 -9.49 -10.94 1.16
CA LEU A 34 -9.76 -10.70 -0.25
C LEU A 34 -8.86 -9.62 -0.87
N ASP A 35 -8.74 -8.45 -0.23
CA ASP A 35 -7.86 -7.38 -0.75
C ASP A 35 -6.40 -7.83 -0.75
N LYS A 36 -6.00 -8.62 0.24
CA LYS A 36 -4.65 -9.19 0.27
C LYS A 36 -4.36 -10.07 -0.98
N ALA A 37 -5.29 -10.96 -1.32
CA ALA A 37 -5.18 -11.81 -2.49
C ALA A 37 -5.09 -10.99 -3.78
N LEU A 38 -6.05 -10.08 -3.96
CA LEU A 38 -6.02 -9.20 -5.13
C LEU A 38 -4.73 -8.38 -5.21
N ASN A 39 -4.27 -7.79 -4.11
CA ASN A 39 -3.03 -6.98 -4.15
C ASN A 39 -1.77 -7.80 -4.39
N ASP A 40 -1.68 -9.00 -3.81
CA ASP A 40 -0.54 -9.90 -4.02
C ASP A 40 -0.50 -10.34 -5.48
N LYS A 41 -1.68 -10.60 -6.06
CA LYS A 41 -1.77 -11.08 -7.43
C LYS A 41 -1.28 -10.00 -8.38
N GLU A 42 -1.71 -8.76 -8.15
CA GLU A 42 -1.23 -7.61 -8.91
C GLU A 42 0.29 -7.38 -8.75
N ALA A 43 0.82 -7.46 -7.52
CA ALA A 43 2.26 -7.35 -7.27
C ALA A 43 3.07 -8.44 -8.02
N LYS A 44 2.56 -9.67 -8.02
CA LYS A 44 3.26 -10.73 -8.73
C LYS A 44 3.19 -10.51 -10.26
N ASN A 45 2.10 -9.90 -10.72
CA ASN A 45 1.97 -9.63 -12.12
C ASN A 45 3.02 -8.62 -12.57
N LYS A 46 3.20 -7.56 -11.78
CA LYS A 46 4.28 -6.58 -11.99
C LYS A 46 5.65 -7.23 -11.92
N ALA A 47 5.86 -8.15 -10.99
CA ALA A 47 7.17 -8.80 -10.87
C ALA A 47 7.46 -9.66 -12.09
N ILE A 48 6.44 -10.28 -12.68
CA ILE A 48 6.67 -11.03 -13.93
C ILE A 48 7.17 -10.07 -15.03
N LEU A 49 6.50 -8.94 -15.19
CA LEU A 49 6.84 -7.95 -16.21
C LEU A 49 8.20 -7.30 -15.95
N ASN A 50 8.52 -7.00 -14.69
CA ASN A 50 9.85 -6.54 -14.35
C ASN A 50 10.92 -7.58 -14.76
N LEU A 51 10.77 -8.80 -14.29
CA LEU A 51 11.67 -9.85 -14.73
C LEU A 51 11.78 -9.94 -16.27
N GLU A 52 10.73 -9.59 -17.01
CA GLU A 52 10.84 -9.59 -18.46
C GLU A 52 11.73 -8.46 -18.97
N GLU A 53 11.65 -7.28 -18.37
CA GLU A 53 12.60 -6.20 -18.71
C GLU A 53 14.06 -6.60 -18.41
N GLU A 54 14.28 -7.28 -17.29
CA GLU A 54 15.64 -7.73 -16.99
C GLU A 54 16.15 -8.78 -17.95
N LYS A 55 15.26 -9.68 -18.38
CA LYS A 55 15.63 -10.67 -19.38
C LYS A 55 15.95 -10.00 -20.75
N LEU A 56 15.25 -8.94 -21.08
CA LEU A 56 15.52 -8.20 -22.30
C LEU A 56 16.92 -7.56 -22.31
N ALA A 57 17.27 -6.92 -21.21
CA ALA A 57 18.59 -6.29 -21.07
C ALA A 57 19.68 -7.35 -21.18
N LEU A 58 19.45 -8.49 -20.54
CA LEU A 58 20.42 -9.57 -20.59
C LEU A 58 20.56 -10.17 -21.98
N LYS A 59 19.45 -10.25 -22.71
CA LYS A 59 19.47 -10.82 -24.04
C LYS A 59 20.23 -9.90 -25.00
N LEU A 60 20.17 -8.59 -24.73
CA LEU A 60 20.98 -7.61 -25.45
C LEU A 60 22.48 -7.83 -25.21
N GLN A 61 22.86 -8.13 -23.97
CA GLN A 61 24.24 -8.47 -23.64
C GLN A 61 24.68 -9.75 -24.32
N VAL A 62 23.86 -10.79 -24.27
CA VAL A 62 24.13 -12.02 -25.03
C VAL A 62 24.47 -11.69 -26.50
N SER A 63 23.73 -10.77 -27.09
CA SER A 63 23.87 -10.43 -28.49
C SER A 63 25.14 -9.64 -28.77
N LYS A 64 25.48 -8.74 -27.83
CA LYS A 64 26.70 -7.94 -27.91
C LYS A 64 27.93 -8.82 -27.78
N ASN A 65 27.93 -9.69 -26.78
CA ASN A 65 28.96 -10.70 -26.64
C ASN A 65 29.08 -11.63 -27.85
N GLU A 66 27.97 -11.89 -28.53
CA GLU A 66 27.95 -12.80 -29.68
C GLU A 66 28.62 -12.20 -30.92
N GLN A 67 28.50 -10.87 -31.03
CA GLN A 67 29.12 -10.12 -32.10
C GLN A 67 30.64 -10.13 -31.91
N THR A 68 31.10 -9.86 -30.68
CA THR A 68 32.54 -9.85 -30.39
C THR A 68 33.16 -11.24 -30.55
N LEU A 69 32.41 -12.27 -30.15
CA LEU A 69 32.81 -13.65 -30.39
C LEU A 69 32.93 -13.96 -31.90
N GLN A 70 32.01 -13.44 -32.70
CA GLN A 70 32.10 -13.52 -34.16
C GLN A 70 33.36 -12.82 -34.69
N ASP A 71 33.64 -11.63 -34.17
CA ASP A 71 34.85 -10.87 -34.49
C ASP A 71 36.10 -11.65 -34.11
N THR A 72 36.10 -12.20 -32.90
CA THR A 72 37.24 -12.94 -32.39
C THR A 72 37.55 -14.17 -33.24
N ASN A 73 36.51 -14.92 -33.60
CA ASN A 73 36.64 -16.12 -34.43
C ASN A 73 37.13 -15.79 -35.84
N ALA A 74 36.67 -14.66 -36.39
CA ALA A 74 37.20 -14.18 -37.68
C ALA A 74 38.69 -13.84 -37.55
N LYS A 75 39.08 -13.29 -36.41
CA LYS A 75 40.50 -13.00 -36.19
C LYS A 75 41.31 -14.30 -36.09
N ILE A 76 40.77 -15.28 -35.37
CA ILE A 76 41.42 -16.61 -35.32
C ILE A 76 41.64 -17.15 -36.75
N ALA A 77 40.55 -17.26 -37.51
CA ALA A 77 40.60 -17.65 -38.93
C ALA A 77 41.68 -16.87 -39.70
N SER A 78 41.70 -15.55 -39.53
CA SER A 78 42.68 -14.74 -40.22
C SER A 78 44.13 -15.04 -39.79
N ILE A 79 44.34 -15.36 -38.51
CA ILE A 79 45.67 -15.71 -38.02
C ILE A 79 46.13 -17.04 -38.57
N GLN A 80 45.21 -18.01 -38.62
CA GLN A 80 45.51 -19.35 -39.12
C GLN A 80 45.84 -19.32 -40.60
N LYS A 81 45.09 -18.52 -41.36
CA LYS A 81 45.35 -18.38 -42.78
C LYS A 81 46.78 -17.87 -42.97
N LYS A 82 47.18 -16.87 -42.18
CA LYS A 82 48.55 -16.34 -42.20
C LYS A 82 49.62 -17.36 -41.88
N MET A 83 49.30 -18.30 -41.00
CA MET A 83 50.23 -19.37 -40.64
C MET A 83 50.44 -20.30 -41.83
N SER A 84 49.39 -20.51 -42.61
CA SER A 84 49.48 -21.43 -43.76
C SER A 84 50.44 -20.91 -44.85
N GLU A 85 50.38 -19.60 -45.12
CA GLU A 85 51.17 -18.92 -46.15
C GLU A 85 52.54 -18.57 -45.60
N ILE A 86 52.54 -18.30 -44.29
CA ILE A 86 53.71 -18.01 -43.46
C ILE A 86 54.66 -16.89 -43.90
N LYS A 87 55.82 -17.24 -44.48
CA LYS A 87 56.91 -16.31 -44.80
C LYS A 87 58.25 -17.02 -44.59
N SER A 88 58.51 -17.38 -43.33
CA SER A 88 59.80 -17.92 -42.91
C SER A 88 59.58 -19.06 -41.89
N GLU A 89 59.87 -18.76 -40.62
CA GLU A 89 59.60 -19.63 -39.46
C GLU A 89 60.16 -18.94 -38.23
N ARG A 90 60.31 -17.62 -38.36
CA ARG A 90 60.32 -16.78 -37.17
C ARG A 90 58.92 -16.89 -36.58
N GLU A 91 57.92 -16.70 -37.46
CA GLU A 91 56.57 -16.31 -37.07
C GLU A 91 55.58 -17.43 -36.73
N LEU A 92 55.84 -18.64 -37.20
CA LEU A 92 55.03 -19.79 -36.76
C LEU A 92 54.86 -19.93 -35.22
N ARG A 93 55.93 -19.77 -34.45
CA ARG A 93 55.83 -19.77 -33.00
C ARG A 93 55.11 -18.50 -32.52
N SER A 94 55.42 -17.38 -33.17
CA SER A 94 54.82 -16.07 -32.88
C SER A 94 53.31 -16.05 -33.11
N LEU A 95 52.89 -16.54 -34.28
CA LEU A 95 51.48 -16.59 -34.62
C LEU A 95 50.73 -17.60 -33.78
N ASN A 96 51.41 -18.64 -33.28
CA ASN A 96 50.75 -19.65 -32.45
C ASN A 96 50.29 -18.99 -31.15
N ILE A 97 51.07 -18.01 -30.72
CA ILE A 97 50.86 -17.30 -29.46
C ILE A 97 49.79 -16.21 -29.67
N GLU A 98 49.88 -15.47 -30.77
CA GLU A 98 48.83 -14.55 -31.23
C GLU A 98 47.50 -15.28 -31.22
N GLU A 99 47.51 -16.47 -31.80
CA GLU A 99 46.33 -17.29 -31.88
C GLU A 99 45.88 -17.70 -30.49
N ASP A 100 46.81 -18.06 -29.62
CA ASP A 100 46.46 -18.43 -28.24
C ASP A 100 45.73 -17.36 -27.42
N ILE A 101 46.14 -16.10 -27.57
CA ILE A 101 45.46 -14.98 -26.92
C ILE A 101 44.04 -14.86 -27.46
N ALA A 102 43.92 -14.97 -28.77
CA ALA A 102 42.63 -14.86 -29.43
C ALA A 102 41.69 -16.00 -29.03
N LYS A 103 42.22 -17.22 -28.92
CA LYS A 103 41.48 -18.37 -28.37
C LYS A 103 40.96 -18.12 -26.97
N GLU A 104 41.81 -17.55 -26.11
CA GLU A 104 41.39 -17.26 -24.75
C GLU A 104 40.27 -16.24 -24.72
N ARG A 105 40.32 -15.22 -25.56
CA ARG A 105 39.26 -14.21 -25.59
C ARG A 105 37.96 -14.86 -26.06
N SER A 106 38.06 -15.75 -27.03
CA SER A 106 36.88 -16.48 -27.48
C SER A 106 36.34 -17.41 -26.36
N ASN A 107 37.22 -18.02 -25.57
CA ASN A 107 36.76 -18.78 -24.38
C ASN A 107 36.05 -17.93 -23.33
N GLN A 108 36.53 -16.71 -23.10
CA GLN A 108 35.87 -15.74 -22.21
C GLN A 108 34.46 -15.38 -22.69
N ALA A 109 34.32 -15.06 -23.98
CA ALA A 109 33.02 -14.71 -24.54
C ALA A 109 32.03 -15.86 -24.44
N ASN A 110 32.48 -17.08 -24.71
CA ASN A 110 31.62 -18.24 -24.60
C ASN A 110 31.15 -18.46 -23.18
N ARG A 111 32.06 -18.38 -22.21
CA ARG A 111 31.69 -18.43 -20.79
C ARG A 111 30.70 -17.32 -20.38
N GLU A 112 30.95 -16.09 -20.79
CA GLU A 112 30.08 -14.97 -20.44
C GLU A 112 28.67 -15.16 -21.02
N ILE A 113 28.58 -15.56 -22.28
CA ILE A 113 27.30 -15.87 -22.90
C ILE A 113 26.56 -16.99 -22.17
N GLU A 114 27.26 -18.08 -21.86
CA GLU A 114 26.64 -19.17 -21.11
C GLU A 114 26.14 -18.69 -19.73
N ASN A 115 26.90 -17.81 -19.09
CA ASN A 115 26.50 -17.25 -17.79
C ASN A 115 25.24 -16.40 -17.88
N LEU A 116 25.17 -15.56 -18.92
CA LEU A 116 24.02 -14.70 -19.12
C LEU A 116 22.78 -15.57 -19.39
N GLN A 117 22.91 -16.53 -20.30
CA GLN A 117 21.85 -17.46 -20.61
C GLN A 117 21.35 -18.20 -19.35
N ASN A 118 22.26 -18.57 -18.46
CA ASN A 118 21.86 -19.16 -17.18
C ASN A 118 21.04 -18.21 -16.32
N GLU A 119 21.39 -16.93 -16.29
CA GLU A 119 20.67 -15.94 -15.50
C GLU A 119 19.27 -15.75 -16.10
N ILE A 120 19.20 -15.67 -17.43
CA ILE A 120 17.95 -15.54 -18.15
C ILE A 120 17.01 -16.69 -17.76
N LYS A 121 17.50 -17.93 -17.85
CA LYS A 121 16.75 -19.11 -17.48
C LYS A 121 16.20 -19.06 -16.04
N ARG A 122 17.00 -18.61 -15.08
CA ARG A 122 16.55 -18.50 -13.68
C ARG A 122 15.39 -17.53 -13.56
N LYS A 123 15.44 -16.46 -14.34
CA LYS A 123 14.38 -15.48 -14.33
C LYS A 123 13.10 -16.05 -14.92
N SER A 124 13.22 -16.83 -16.00
CA SER A 124 12.08 -17.48 -16.63
C SER A 124 11.44 -18.53 -15.70
N GLU A 125 12.27 -19.25 -14.93
CA GLU A 125 11.77 -20.14 -13.88
C GLU A 125 11.00 -19.37 -12.82
N LYS A 126 11.55 -18.21 -12.41
CA LYS A 126 10.87 -17.39 -11.40
C LYS A 126 9.54 -16.86 -11.93
N GLN A 127 9.52 -16.48 -13.21
CA GLN A 127 8.29 -16.07 -13.86
C GLN A 127 7.21 -17.19 -13.83
N GLU A 128 7.62 -18.43 -14.12
CA GLU A 128 6.69 -19.59 -14.10
C GLU A 128 6.14 -19.79 -12.68
N ASP A 129 7.02 -19.73 -11.69
CA ASP A 129 6.59 -19.70 -10.27
C ASP A 129 5.50 -18.69 -9.95
N LEU A 130 5.84 -17.42 -10.18
CA LEU A 130 4.93 -16.32 -9.95
C LEU A 130 3.57 -16.54 -10.64
N LYS A 131 3.61 -17.08 -11.86
CA LYS A 131 2.42 -17.31 -12.67
C LYS A 131 1.54 -18.34 -11.96
N LYS A 132 2.12 -19.44 -11.51
CA LYS A 132 1.37 -20.37 -10.66
C LYS A 132 0.80 -19.72 -9.38
N GLU A 133 1.58 -18.87 -8.73
CA GLU A 133 1.06 -18.22 -7.53
C GLU A 133 -0.11 -17.30 -7.85
N MET A 134 0.00 -16.57 -8.95
CA MET A 134 -1.09 -15.71 -9.39
C MET A 134 -2.42 -16.44 -9.57
N LEU A 135 -2.35 -17.66 -10.13
CA LEU A 135 -3.53 -18.50 -10.32
C LEU A 135 -4.12 -18.98 -8.99
N GLU A 136 -3.26 -19.36 -8.02
CA GLU A 136 -3.77 -19.73 -6.67
C GLU A 136 -4.50 -18.53 -6.06
N LEU A 137 -3.96 -17.33 -6.27
CA LEU A 137 -4.55 -16.12 -5.70
C LEU A 137 -5.90 -15.77 -6.35
N GLU A 138 -6.02 -15.97 -7.65
CA GLU A 138 -7.28 -15.81 -8.34
C GLU A 138 -8.31 -16.85 -7.82
N LYS A 139 -7.89 -18.10 -7.69
CA LYS A 139 -8.73 -19.14 -7.08
C LYS A 139 -9.21 -18.67 -5.71
N LEU A 140 -8.28 -18.18 -4.89
CA LEU A 140 -8.60 -17.60 -3.58
C LEU A 140 -9.62 -16.45 -3.66
N ALA A 141 -9.32 -15.44 -4.48
CA ALA A 141 -10.26 -14.28 -4.64
C ALA A 141 -11.68 -14.72 -5.01
N LEU A 142 -11.78 -15.64 -5.96
CA LEU A 142 -13.08 -16.15 -6.42
C LEU A 142 -13.86 -16.87 -5.32
N GLU A 143 -13.15 -17.56 -4.44
CA GLU A 143 -13.78 -18.20 -3.30
C GLU A 143 -14.34 -17.18 -2.29
N LEU A 144 -13.51 -16.22 -1.90
CA LEU A 144 -13.86 -15.22 -0.88
C LEU A 144 -14.91 -14.20 -1.25
N GLU A 145 -15.04 -13.92 -2.54
CA GLU A 145 -15.74 -12.73 -3.01
C GLU A 145 -17.26 -12.74 -2.77
N SER A 146 -17.89 -13.91 -2.90
CA SER A 146 -19.36 -13.99 -2.80
C SER A 146 -19.83 -13.50 -1.42
N LEU A 147 -19.28 -14.11 -0.38
CA LEU A 147 -19.58 -13.78 1.00
C LEU A 147 -19.13 -12.38 1.42
N VAL A 148 -17.88 -12.06 1.12
CA VAL A 148 -17.33 -10.78 1.52
C VAL A 148 -18.29 -9.65 1.10
N GLU A 149 -18.73 -9.68 -0.16
CA GLU A 149 -19.55 -8.61 -0.72
C GLU A 149 -20.99 -8.57 -0.15
N ASN A 150 -21.50 -9.73 0.26
CA ASN A 150 -22.79 -9.84 0.95
C ASN A 150 -22.68 -9.28 2.35
N GLU A 151 -21.59 -9.64 3.04
CA GLU A 151 -21.28 -9.13 4.38
C GLU A 151 -21.16 -7.61 4.40
N VAL A 152 -20.45 -7.07 3.42
CA VAL A 152 -20.27 -5.64 3.26
C VAL A 152 -21.63 -4.96 2.98
N LYS A 153 -22.42 -5.53 2.08
CA LYS A 153 -23.76 -4.98 1.81
C LYS A 153 -24.65 -4.89 3.07
N ASN A 154 -24.70 -5.95 3.88
CA ASN A 154 -25.41 -5.92 5.17
C ASN A 154 -24.92 -4.83 6.11
N ILE A 155 -23.62 -4.57 6.09
CA ILE A 155 -23.05 -3.52 6.91
C ILE A 155 -23.45 -2.12 6.40
N LYS A 156 -23.46 -1.94 5.07
CA LYS A 156 -23.94 -0.68 4.47
C LYS A 156 -25.39 -0.38 4.88
N GLU A 157 -26.25 -1.38 4.77
CA GLU A 157 -27.65 -1.24 5.18
C GLU A 157 -27.78 -0.86 6.64
N THR A 158 -26.92 -1.41 7.49
CA THR A 158 -26.90 -0.96 8.89
C THR A 158 -26.53 0.54 9.02
N GLN A 159 -25.56 1.02 8.24
CA GLN A 159 -25.20 2.44 8.33
C GLN A 159 -26.38 3.32 7.90
N GLN A 160 -27.13 2.87 6.90
CA GLN A 160 -28.32 3.60 6.47
C GLN A 160 -29.41 3.65 7.56
N ILE A 161 -29.71 2.49 8.17
CA ILE A 161 -30.60 2.44 9.32
C ILE A 161 -30.10 3.39 10.42
N ILE A 162 -28.81 3.37 10.75
CA ILE A 162 -28.29 4.33 11.73
C ILE A 162 -28.55 5.79 11.26
N PHE A 163 -28.25 6.12 10.01
CA PHE A 163 -28.50 7.45 9.50
C PHE A 163 -29.99 7.86 9.57
N LYS A 164 -30.88 6.96 9.16
CA LYS A 164 -32.33 7.18 9.30
C LYS A 164 -32.71 7.55 10.75
N LYS A 165 -32.09 6.89 11.73
CA LYS A 165 -32.29 7.21 13.16
C LYS A 165 -31.78 8.59 13.49
N LYS A 166 -30.62 8.94 12.91
CA LYS A 166 -30.04 10.26 13.08
C LYS A 166 -31.00 11.34 12.57
N GLU A 167 -31.60 11.11 11.38
CA GLU A 167 -32.55 12.04 10.80
C GLU A 167 -33.65 12.33 11.82
N ASP A 168 -34.26 11.25 12.33
CA ASP A 168 -35.33 11.33 13.33
C ASP A 168 -34.91 12.13 14.54
N LEU A 169 -33.74 11.83 15.10
CA LEU A 169 -33.20 12.63 16.23
C LEU A 169 -32.91 14.11 15.89
N VAL A 170 -32.34 14.38 14.72
CA VAL A 170 -31.93 15.74 14.34
C VAL A 170 -33.17 16.62 14.16
N GLU A 171 -34.20 16.03 13.62
CA GLU A 171 -35.47 16.67 13.35
C GLU A 171 -36.09 17.19 14.62
N LYS A 172 -35.82 16.53 15.75
CA LYS A 172 -36.32 16.94 17.06
C LYS A 172 -35.36 17.89 17.78
N THR A 173 -34.24 18.26 17.17
CA THR A 173 -33.22 19.08 17.84
C THR A 173 -33.27 20.54 17.40
N GLU A 174 -33.21 21.47 18.36
CA GLU A 174 -33.17 22.90 18.06
C GLU A 174 -32.11 23.14 16.96
N PRO A 175 -32.52 23.77 15.84
CA PRO A 175 -31.59 23.89 14.71
C PRO A 175 -30.29 24.56 15.07
N LYS A 176 -30.35 25.59 15.92
CA LYS A 176 -29.13 26.24 16.41
C LYS A 176 -28.17 25.31 17.17
N ILE A 177 -28.72 24.36 17.92
CA ILE A 177 -27.93 23.43 18.74
C ILE A 177 -27.19 22.41 17.84
N TYR A 178 -27.94 21.87 16.89
CA TYR A 178 -27.43 20.96 15.90
C TYR A 178 -26.25 21.56 15.12
N SER A 179 -26.43 22.81 14.70
CA SER A 179 -25.45 23.54 13.89
C SER A 179 -24.19 23.85 14.65
N PHE A 180 -24.34 24.04 15.94
CA PHE A 180 -23.21 24.29 16.81
C PHE A 180 -22.40 23.00 16.86
N TYR A 181 -23.12 21.88 17.00
CA TYR A 181 -22.55 20.55 16.89
C TYR A 181 -21.85 20.34 15.54
N GLU A 182 -22.58 20.51 14.44
CA GLU A 182 -21.97 20.32 13.10
C GLU A 182 -20.77 21.22 12.80
N ARG A 183 -20.81 22.47 13.22
CA ARG A 183 -19.64 23.35 13.01
C ARG A 183 -18.36 22.76 13.66
N ILE A 184 -18.49 22.23 14.87
CA ILE A 184 -17.35 21.61 15.54
C ILE A 184 -16.96 20.28 14.92
N ARG A 185 -17.96 19.50 14.51
CA ARG A 185 -17.72 18.19 13.91
C ARG A 185 -16.92 18.26 12.58
N ARG A 186 -17.12 19.33 11.82
CA ARG A 186 -16.32 19.59 10.62
C ARG A 186 -14.84 19.30 10.83
N TRP A 187 -14.25 19.89 11.87
CA TRP A 187 -12.83 19.71 12.19
C TRP A 187 -12.55 18.61 13.22
N ALA A 188 -13.42 18.47 14.22
CA ALA A 188 -13.13 17.60 15.37
C ALA A 188 -13.64 16.17 15.21
N LYS A 189 -14.49 15.95 14.21
CA LYS A 189 -15.11 14.64 13.92
C LYS A 189 -15.80 14.00 15.15
N ASN A 190 -15.33 12.83 15.56
CA ASN A 190 -15.98 12.13 16.65
C ASN A 190 -15.30 12.34 17.99
N THR A 191 -14.47 13.38 18.06
CA THR A 191 -14.00 13.92 19.33
C THR A 191 -14.70 15.26 19.58
N SER A 192 -15.86 15.45 18.97
CA SER A 192 -16.63 16.70 19.06
C SER A 192 -17.20 16.95 20.45
N ILE A 193 -17.70 15.88 21.07
CA ILE A 193 -18.21 15.96 22.44
C ILE A 193 -17.38 15.09 23.36
N VAL A 194 -16.79 15.69 24.39
CA VAL A 194 -15.91 14.96 25.29
C VAL A 194 -16.24 15.15 26.77
N THR A 195 -15.95 14.13 27.58
CA THR A 195 -16.11 14.21 29.02
C THR A 195 -14.88 14.86 29.66
N ILE A 196 -15.02 15.45 30.84
CA ILE A 196 -13.84 15.93 31.57
C ILE A 196 -13.21 14.74 32.32
N LYS A 197 -11.90 14.56 32.12
CA LYS A 197 -11.13 13.57 32.88
C LYS A 197 -10.02 14.31 33.61
N LYS A 198 -9.71 13.86 34.83
CA LYS A 198 -8.89 14.65 35.76
C LYS A 198 -9.53 16.04 35.92
N GLN A 199 -8.84 17.05 35.43
CA GLN A 199 -9.36 18.41 35.40
C GLN A 199 -9.01 19.02 34.04
N ALA A 200 -8.84 18.16 33.04
CA ALA A 200 -8.42 18.62 31.72
C ALA A 200 -9.46 18.29 30.65
N CYS A 201 -9.43 19.01 29.53
CA CYS A 201 -10.36 18.74 28.43
C CYS A 201 -10.12 17.30 27.98
N GLY A 202 -11.18 16.49 27.89
CA GLY A 202 -11.06 15.13 27.36
C GLY A 202 -10.66 15.04 25.88
N GLY A 203 -10.51 16.20 25.24
CA GLY A 203 -10.18 16.30 23.83
C GLY A 203 -8.81 16.89 23.54
N CYS A 204 -8.43 17.98 24.23
CA CYS A 204 -7.06 18.51 24.08
C CYS A 204 -6.13 18.25 25.28
N PHE A 205 -6.70 17.81 26.41
CA PHE A 205 -5.96 17.35 27.60
C PHE A 205 -5.22 18.44 28.36
N ILE A 206 -5.60 19.68 28.11
CA ILE A 206 -5.01 20.81 28.81
C ILE A 206 -5.88 21.15 30.02
N ARG A 207 -5.26 21.36 31.17
CA ARG A 207 -5.99 21.47 32.43
C ARG A 207 -6.95 22.65 32.40
N LEU A 208 -8.19 22.42 32.85
CA LEU A 208 -9.20 23.48 32.87
C LEU A 208 -9.06 24.26 34.17
N ASN A 209 -9.19 25.58 34.12
CA ASN A 209 -9.07 26.38 35.34
C ASN A 209 -10.27 26.20 36.26
N ASP A 210 -10.16 26.70 37.49
CA ASP A 210 -11.16 26.42 38.49
C ASP A 210 -12.53 26.91 38.05
N LYS A 211 -12.57 28.12 37.51
CA LYS A 211 -13.82 28.74 37.06
C LYS A 211 -14.59 27.86 36.07
N ILE A 212 -13.89 27.28 35.10
CA ILE A 212 -14.54 26.51 34.04
C ILE A 212 -14.95 25.12 34.52
N TYR A 213 -14.07 24.47 35.27
CA TYR A 213 -14.39 23.13 35.78
C TYR A 213 -15.65 23.18 36.65
N THR A 214 -15.77 24.25 37.42
CA THR A 214 -16.93 24.44 38.30
C THR A 214 -18.17 24.68 37.45
N GLU A 215 -18.02 25.51 36.42
CA GLU A 215 -19.10 25.86 35.51
C GLU A 215 -19.69 24.64 34.83
N VAL A 216 -18.84 23.70 34.42
CA VAL A 216 -19.32 22.49 33.77
C VAL A 216 -20.09 21.63 34.76
N LEU A 217 -19.60 21.52 35.99
CA LEU A 217 -20.22 20.62 36.96
C LEU A 217 -21.46 21.25 37.62
N THR A 218 -21.35 22.53 37.96
CA THR A 218 -22.38 23.20 38.76
C THR A 218 -23.58 23.68 37.94
N SER A 219 -23.32 24.42 36.86
CA SER A 219 -24.38 25.06 36.09
C SER A 219 -25.04 24.10 35.09
N GLY A 220 -26.27 24.42 34.71
CA GLY A 220 -27.10 23.50 33.90
C GLY A 220 -27.01 23.80 32.42
N ASP A 221 -25.82 24.13 31.97
CA ASP A 221 -25.62 24.52 30.58
C ASP A 221 -24.85 23.46 29.78
N MET A 222 -24.20 23.93 28.72
CA MET A 222 -23.36 23.13 27.86
C MET A 222 -22.21 24.03 27.52
N ILE A 223 -21.02 23.60 27.87
CA ILE A 223 -19.85 24.46 27.81
C ILE A 223 -18.90 23.90 26.76
N THR A 224 -18.12 24.79 26.15
CA THR A 224 -17.04 24.40 25.26
C THR A 224 -15.71 24.63 25.92
N CYS A 225 -14.74 23.80 25.57
CA CYS A 225 -13.39 23.97 26.06
C CYS A 225 -12.81 25.27 25.52
N PRO A 226 -12.14 26.04 26.39
CA PRO A 226 -11.61 27.33 25.93
C PRO A 226 -10.30 27.22 25.15
N TYR A 227 -9.68 26.04 25.14
CA TYR A 227 -8.44 25.85 24.38
C TYR A 227 -8.68 25.33 22.97
N CYS A 228 -9.68 24.46 22.78
CA CYS A 228 -9.87 23.85 21.46
C CYS A 228 -11.26 23.95 20.86
N GLY A 229 -12.27 24.24 21.66
CA GLY A 229 -13.59 24.56 21.12
C GLY A 229 -14.60 23.42 21.25
N ARG A 230 -14.13 22.25 21.67
CA ARG A 230 -14.99 21.09 21.84
C ARG A 230 -16.11 21.33 22.89
N ILE A 231 -17.20 20.57 22.77
CA ILE A 231 -18.22 20.51 23.79
C ILE A 231 -17.76 19.60 24.94
N LEU A 232 -17.96 20.08 26.17
CA LEU A 232 -17.55 19.38 27.41
C LEU A 232 -18.73 19.06 28.33
N TYR A 233 -18.70 17.88 28.92
CA TYR A 233 -19.66 17.56 29.97
C TYR A 233 -19.11 16.63 31.04
N ALA A 234 -19.60 16.81 32.27
CA ALA A 234 -19.31 15.88 33.35
C ALA A 234 -20.25 14.68 33.24
N GLU A 235 -19.68 13.48 33.18
CA GLU A 235 -20.50 12.26 33.17
C GLU A 235 -21.39 12.22 34.42
N GLY A 236 -22.50 12.97 34.36
CA GLY A 236 -23.43 13.14 35.48
C GLY A 236 -23.26 14.45 36.27
N ALA A 237 -24.11 15.44 35.98
CA ALA A 237 -24.12 16.72 36.70
C ALA A 237 -25.52 17.31 36.84
#